data_1LAJ
#
_entry.id   1LAJ
#
_cell.length_a   294.296
_cell.length_b   327.393
_cell.length_c   382.066
_cell.angle_alpha   90.00
_cell.angle_beta   90.00
_cell.angle_gamma   90.00
#
_symmetry.space_group_name_H-M   'I 2 2 2'
#
loop_
_entity.id
_entity.type
_entity.pdbx_description
1 polymer "5'-R(*AP*AP*A)-3'"
2 polymer 'capsid protein'
3 non-polymer 'PHOSPHATE ION'
4 non-polymer 'MAGNESIUM ION'
#
loop_
_entity_poly.entity_id
_entity_poly.type
_entity_poly.pdbx_seq_one_letter_code
_entity_poly.pdbx_strand_id
1 'polyribonucleotide' AAA R
2 'polypeptide(L)'
;MAQNGTGGGSRRPRRGRRNNNNNNSTARDKALLALTQQVNRLANIASSSAPSLQHPTFIASKKCRAGYTYTSLDVRPTRT
EKDKSFGQRLIIPVPVSEYPKKKVSCVQVRLNPSPKFNSTIWVSLRRLDETTLLTSENVFKLFTDGLAVLIYQHVPTGIQ
PNNKITFDMSNVGAEIGDMGKYALIVYSKDDVLEADEMVIHIDIEHQRIPSASTLPV
;
A,B,C
#
# COMPACT_ATOMS: atom_id res chain seq x y z
N ASN B 44 -37.11 -19.54 -3.87
CA ASN B 44 -37.47 -18.08 -3.78
C ASN B 44 -36.33 -17.22 -4.12
N ILE B 45 -35.51 -17.52 -5.13
CA ILE B 45 -34.37 -16.68 -5.48
C ILE B 45 -34.98 -15.51 -6.24
N ALA B 46 -36.10 -15.78 -6.90
CA ALA B 46 -36.82 -14.77 -7.67
C ALA B 46 -37.33 -13.68 -6.73
N SER B 47 -37.94 -14.08 -5.61
CA SER B 47 -38.44 -13.10 -4.66
C SER B 47 -37.28 -12.32 -4.05
N SER B 48 -36.21 -13.03 -3.72
CA SER B 48 -35.01 -12.43 -3.12
C SER B 48 -34.38 -11.33 -3.99
N SER B 49 -34.29 -11.58 -5.29
CA SER B 49 -33.71 -10.62 -6.23
C SER B 49 -34.67 -9.47 -6.55
N ALA B 50 -35.96 -9.73 -6.38
CA ALA B 50 -37.04 -8.77 -6.64
C ALA B 50 -36.69 -7.29 -6.46
N PRO B 51 -36.04 -6.90 -5.35
CA PRO B 51 -35.67 -5.50 -5.11
C PRO B 51 -35.28 -4.64 -6.32
N SER B 52 -35.96 -3.50 -6.47
CA SER B 52 -35.72 -2.55 -7.55
C SER B 52 -36.85 -1.52 -7.62
N LEU B 53 -36.50 -0.24 -7.77
CA LEU B 53 -37.50 0.83 -7.84
C LEU B 53 -36.85 2.18 -8.15
N GLN B 54 -37.32 2.84 -9.22
CA GLN B 54 -36.80 4.13 -9.65
C GLN B 54 -37.60 4.69 -10.83
N HIS B 55 -37.63 6.01 -10.97
CA HIS B 55 -38.37 6.66 -12.06
C HIS B 55 -37.70 7.95 -12.56
N PRO B 56 -37.87 8.28 -13.85
CA PRO B 56 -37.26 9.50 -14.41
C PRO B 56 -37.57 10.78 -13.62
N THR B 57 -36.68 11.15 -12.70
CA THR B 57 -36.83 12.35 -11.87
C THR B 57 -35.57 12.67 -11.07
N PHE B 58 -35.55 13.80 -10.37
CA PHE B 58 -34.40 14.18 -9.58
C PHE B 58 -34.53 13.73 -8.12
N ILE B 59 -35.26 12.64 -7.90
CA ILE B 59 -35.49 12.08 -6.56
C ILE B 59 -35.50 10.55 -6.54
N ALA B 60 -34.32 9.92 -6.54
CA ALA B 60 -34.22 8.45 -6.53
C ALA B 60 -32.77 7.95 -6.40
N SER B 61 -32.54 6.96 -5.53
CA SER B 61 -31.21 6.39 -5.32
C SER B 61 -31.24 5.11 -4.49
N LYS B 62 -30.58 4.06 -4.99
CA LYS B 62 -30.53 2.77 -4.30
C LYS B 62 -29.31 2.63 -3.40
N LYS B 63 -28.64 1.48 -3.47
CA LYS B 63 -27.45 1.23 -2.66
C LYS B 63 -26.84 -0.13 -3.03
N CYS B 64 -25.51 -0.23 -2.90
CA CYS B 64 -24.80 -1.46 -3.22
C CYS B 64 -24.54 -2.36 -2.02
N ARG B 65 -25.06 -3.58 -2.08
CA ARG B 65 -24.89 -4.55 -1.01
C ARG B 65 -25.49 -4.06 0.30
N ALA B 66 -25.98 -5.00 1.10
CA ALA B 66 -26.57 -4.68 2.39
C ALA B 66 -25.47 -4.93 3.41
N GLY B 67 -25.79 -4.83 4.70
CA GLY B 67 -24.79 -5.05 5.73
C GLY B 67 -23.69 -4.02 5.59
N TYR B 68 -23.87 -3.13 4.63
CA TYR B 68 -22.93 -2.07 4.39
C TYR B 68 -23.54 -0.81 4.94
N THR B 69 -22.69 0.08 5.41
CA THR B 69 -23.14 1.36 5.92
C THR B 69 -22.37 2.32 5.07
N TYR B 70 -22.66 3.61 5.17
CA TYR B 70 -21.92 4.57 4.37
C TYR B 70 -21.47 5.70 5.25
N THR B 71 -20.90 6.70 4.58
CA THR B 71 -20.40 7.88 5.26
C THR B 71 -20.38 9.03 4.28
N SER B 72 -20.91 10.18 4.68
CA SER B 72 -20.94 11.31 3.79
C SER B 72 -19.79 12.28 4.07
N LEU B 73 -19.62 13.22 3.15
CA LEU B 73 -18.58 14.22 3.27
C LEU B 73 -19.08 15.56 2.79
N ASP B 74 -18.55 16.62 3.37
CA ASP B 74 -18.98 17.94 2.98
C ASP B 74 -17.90 18.64 2.19
N VAL B 75 -18.29 19.35 1.14
CA VAL B 75 -17.31 20.03 0.33
C VAL B 75 -17.67 21.34 -0.31
N ARG B 76 -17.48 22.42 0.43
CA ARG B 76 -17.75 23.72 -0.15
C ARG B 76 -16.55 23.86 -1.05
N PRO B 77 -16.78 24.32 -2.29
CA PRO B 77 -15.66 24.50 -3.23
C PRO B 77 -14.89 25.79 -2.93
N THR B 78 -14.25 26.32 -3.96
CA THR B 78 -13.48 27.54 -3.83
C THR B 78 -13.97 28.45 -4.92
N ARG B 79 -13.81 29.76 -4.72
CA ARG B 79 -14.22 30.70 -5.74
C ARG B 79 -13.29 30.45 -6.93
N THR B 80 -13.31 29.23 -7.47
CA THR B 80 -12.46 28.88 -8.58
C THR B 80 -12.94 29.47 -9.87
N GLU B 81 -12.00 30.16 -10.50
CA GLU B 81 -12.20 30.87 -11.76
C GLU B 81 -13.00 30.15 -12.83
N LYS B 82 -13.22 30.88 -13.90
CA LYS B 82 -13.91 30.36 -15.07
C LYS B 82 -12.78 29.61 -15.75
N ASP B 83 -13.11 28.48 -16.37
CA ASP B 83 -12.10 27.66 -17.04
C ASP B 83 -11.19 27.02 -16.00
N LYS B 84 -11.16 27.60 -14.80
CA LYS B 84 -10.33 27.03 -13.76
C LYS B 84 -11.06 25.90 -13.07
N SER B 85 -10.30 24.84 -12.79
CA SER B 85 -10.82 23.66 -12.15
C SER B 85 -10.48 23.64 -10.66
N PHE B 86 -11.38 23.07 -9.86
CA PHE B 86 -11.17 22.94 -8.42
C PHE B 86 -11.25 21.46 -8.08
N GLY B 87 -10.45 21.03 -7.10
CA GLY B 87 -10.48 19.65 -6.70
C GLY B 87 -10.17 19.45 -5.24
N GLN B 88 -10.64 18.33 -4.69
CA GLN B 88 -10.40 18.02 -3.29
C GLN B 88 -10.12 16.53 -3.10
N ARG B 89 -9.10 16.21 -2.31
CA ARG B 89 -8.78 14.81 -2.08
C ARG B 89 -9.81 14.16 -1.18
N LEU B 90 -9.78 12.84 -1.17
CA LEU B 90 -10.70 12.07 -0.35
C LEU B 90 -10.23 12.03 1.09
N ILE B 91 -10.67 12.99 1.87
CA ILE B 91 -10.27 13.06 3.25
C ILE B 91 -11.16 12.23 4.18
N ILE B 92 -10.92 10.93 4.24
CA ILE B 92 -11.71 10.06 5.09
C ILE B 92 -11.74 10.62 6.50
N PRO B 93 -12.92 10.62 7.13
CA PRO B 93 -13.06 11.14 8.49
C PRO B 93 -12.42 10.29 9.54
N VAL B 94 -12.24 10.97 10.67
CA VAL B 94 -11.60 10.46 11.86
C VAL B 94 -11.95 9.09 12.45
N PRO B 95 -13.23 8.69 12.44
CA PRO B 95 -13.46 7.38 13.04
C PRO B 95 -13.31 6.20 12.10
N VAL B 96 -13.42 6.46 10.81
CA VAL B 96 -13.32 5.41 9.82
C VAL B 96 -11.89 5.30 9.37
N SER B 97 -11.33 6.46 9.06
CA SER B 97 -9.96 6.54 8.58
C SER B 97 -9.03 5.59 9.33
N GLU B 98 -9.55 4.90 10.34
CA GLU B 98 -8.75 3.97 11.11
C GLU B 98 -8.75 2.50 10.71
N TYR B 99 -9.38 2.17 9.59
CA TYR B 99 -9.42 0.78 9.11
C TYR B 99 -9.22 0.83 7.63
N PRO B 100 -8.11 1.43 7.19
CA PRO B 100 -7.76 1.58 5.79
C PRO B 100 -7.93 0.27 5.02
N LYS B 101 -8.12 -0.81 5.77
CA LYS B 101 -8.26 -2.12 5.17
C LYS B 101 -9.69 -2.52 4.87
N LYS B 102 -10.64 -1.69 5.29
CA LYS B 102 -12.06 -1.98 5.05
C LYS B 102 -12.39 -1.73 3.58
N LYS B 103 -13.31 -2.49 3.03
CA LYS B 103 -13.68 -2.36 1.63
C LYS B 103 -14.81 -1.39 1.31
N VAL B 104 -14.68 -0.77 0.14
CA VAL B 104 -15.64 0.19 -0.37
C VAL B 104 -16.32 -0.37 -1.61
N SER B 105 -17.64 -0.22 -1.68
CA SER B 105 -18.41 -0.71 -2.82
C SER B 105 -18.58 0.40 -3.84
N CYS B 106 -19.40 1.40 -3.49
CA CYS B 106 -19.65 2.54 -4.35
C CYS B 106 -19.33 3.82 -3.63
N VAL B 107 -19.59 4.91 -4.33
CA VAL B 107 -19.35 6.23 -3.79
C VAL B 107 -20.15 7.20 -4.64
N GLN B 108 -21.30 7.59 -4.11
CA GLN B 108 -22.15 8.53 -4.83
C GLN B 108 -21.73 9.93 -4.45
N VAL B 109 -22.12 10.86 -5.30
CA VAL B 109 -21.81 12.24 -5.04
C VAL B 109 -23.01 13.13 -5.39
N ARG B 110 -23.81 13.41 -4.38
CA ARG B 110 -24.95 14.25 -4.59
C ARG B 110 -24.42 15.68 -4.35
N LEU B 111 -25.02 16.66 -5.00
CA LEU B 111 -24.57 18.02 -4.79
C LEU B 111 -25.74 18.96 -4.67
N ASN B 112 -25.94 19.47 -3.46
CA ASN B 112 -27.02 20.40 -3.24
C ASN B 112 -26.43 21.77 -3.52
N PRO B 113 -26.95 22.45 -4.55
CA PRO B 113 -26.47 23.78 -4.91
C PRO B 113 -27.23 24.86 -4.17
N SER B 114 -26.66 26.06 -4.16
CA SER B 114 -27.29 27.19 -3.51
C SER B 114 -28.14 27.85 -4.58
N PRO B 115 -29.15 28.64 -4.18
CA PRO B 115 -30.03 29.32 -5.14
C PRO B 115 -29.23 30.30 -6.00
N LYS B 116 -28.07 30.67 -5.49
CA LYS B 116 -27.17 31.59 -6.18
C LYS B 116 -26.40 30.86 -7.27
N PHE B 117 -26.21 29.55 -7.11
CA PHE B 117 -25.48 28.78 -8.11
C PHE B 117 -25.98 29.22 -9.46
N ASN B 118 -25.06 29.66 -10.31
CA ASN B 118 -25.44 30.13 -11.63
C ASN B 118 -24.61 29.46 -12.71
N SER B 119 -23.30 29.42 -12.50
CA SER B 119 -22.38 28.83 -13.46
C SER B 119 -22.83 27.45 -13.90
N THR B 120 -22.15 26.97 -14.92
CA THR B 120 -22.41 25.65 -15.47
C THR B 120 -21.06 24.99 -15.32
N ILE B 121 -21.05 23.77 -14.80
CA ILE B 121 -19.80 23.06 -14.56
C ILE B 121 -19.76 21.55 -14.80
N TRP B 122 -18.57 21.04 -15.05
CA TRP B 122 -18.34 19.61 -15.28
C TRP B 122 -17.68 19.14 -14.01
N VAL B 123 -17.97 17.90 -13.64
CA VAL B 123 -17.41 17.35 -12.43
C VAL B 123 -17.31 15.84 -12.46
N SER B 124 -16.29 15.31 -11.78
CA SER B 124 -16.05 13.87 -11.67
C SER B 124 -15.00 13.57 -10.58
N LEU B 125 -14.28 12.46 -10.74
CA LEU B 125 -13.23 12.09 -9.79
C LEU B 125 -12.55 10.75 -10.14
N ARG B 126 -11.27 10.63 -9.77
CA ARG B 126 -10.51 9.42 -10.05
C ARG B 126 -9.35 9.32 -9.07
N ARG B 127 -8.53 8.28 -9.24
CA ARG B 127 -7.39 8.12 -8.36
C ARG B 127 -6.25 8.94 -8.94
N LEU B 128 -5.06 8.77 -8.37
CA LEU B 128 -3.86 9.45 -8.85
C LEU B 128 -2.77 9.69 -7.81
N ASP B 129 -1.75 10.39 -8.28
CA ASP B 129 -0.60 10.75 -7.49
C ASP B 129 -0.62 12.27 -7.41
N GLU B 130 -0.49 12.78 -6.20
CA GLU B 130 -0.48 14.21 -5.93
C GLU B 130 0.31 14.94 -7.01
N THR B 131 1.28 14.22 -7.57
CA THR B 131 2.15 14.72 -8.62
C THR B 131 1.42 15.34 -9.82
N THR B 132 0.32 14.71 -10.21
CA THR B 132 -0.48 15.19 -11.34
C THR B 132 -1.21 16.45 -10.93
N LEU B 133 -1.18 17.47 -11.79
CA LEU B 133 -1.83 18.72 -11.45
C LEU B 133 -2.89 19.24 -12.43
N LEU B 134 -4.03 19.59 -11.84
CA LEU B 134 -5.23 20.06 -12.53
C LEU B 134 -5.14 21.24 -13.49
N THR B 135 -4.21 21.19 -14.43
CA THR B 135 -4.10 22.27 -15.40
C THR B 135 -5.26 22.01 -16.34
N SER B 136 -5.92 23.07 -16.79
CA SER B 136 -7.04 22.91 -17.70
C SER B 136 -6.76 21.76 -18.66
N GLU B 137 -5.66 21.86 -19.40
CA GLU B 137 -5.29 20.82 -20.36
C GLU B 137 -5.28 19.42 -19.75
N ASN B 138 -4.68 19.27 -18.57
CA ASN B 138 -4.62 17.96 -17.93
C ASN B 138 -6.03 17.42 -17.70
N VAL B 139 -6.90 18.29 -17.17
CA VAL B 139 -8.29 17.96 -16.88
C VAL B 139 -8.99 17.25 -18.05
N PHE B 140 -9.08 17.95 -19.16
CA PHE B 140 -9.72 17.41 -20.34
C PHE B 140 -9.22 16.00 -20.58
N LYS B 141 -7.91 15.84 -20.63
CA LYS B 141 -7.28 14.54 -20.88
C LYS B 141 -8.07 13.38 -20.29
N LEU B 142 -8.33 13.45 -18.99
CA LEU B 142 -9.04 12.41 -18.26
C LEU B 142 -10.53 12.46 -18.50
N PHE B 143 -11.06 13.66 -18.43
CA PHE B 143 -12.48 13.86 -18.67
C PHE B 143 -12.89 12.96 -19.86
N THR B 144 -12.10 13.03 -20.93
CA THR B 144 -12.33 12.26 -22.15
C THR B 144 -11.61 10.89 -22.13
N ASP B 145 -11.97 10.08 -21.13
CA ASP B 145 -11.40 8.74 -20.90
C ASP B 145 -12.49 7.71 -20.74
N GLY B 146 -12.11 6.44 -20.76
CA GLY B 146 -13.11 5.42 -20.60
C GLY B 146 -13.71 5.45 -19.20
N LEU B 147 -13.61 6.57 -18.50
CA LEU B 147 -14.10 6.67 -17.12
C LEU B 147 -14.99 7.88 -16.70
N ALA B 148 -16.26 7.58 -16.38
CA ALA B 148 -17.37 8.50 -15.96
C ALA B 148 -17.28 10.04 -16.06
N VAL B 149 -18.34 10.75 -15.60
CA VAL B 149 -18.44 12.24 -15.56
C VAL B 149 -19.83 12.92 -15.68
N LEU B 150 -20.08 13.95 -14.86
CA LEU B 150 -21.33 14.69 -14.87
C LEU B 150 -21.15 16.17 -15.20
N ILE B 151 -22.23 16.76 -15.68
CA ILE B 151 -22.30 18.17 -16.06
C ILE B 151 -23.57 18.73 -15.42
N TYR B 152 -23.43 19.80 -14.66
CA TYR B 152 -24.56 20.40 -13.99
C TYR B 152 -24.69 21.88 -14.34
N GLN B 153 -25.61 22.23 -15.23
CA GLN B 153 -25.76 23.63 -15.58
C GLN B 153 -27.12 24.11 -15.18
N HIS B 154 -27.25 25.41 -14.94
CA HIS B 154 -28.56 25.90 -14.58
C HIS B 154 -29.23 26.56 -15.76
N VAL B 155 -30.40 26.05 -16.13
CA VAL B 155 -31.15 26.59 -17.25
C VAL B 155 -32.65 26.60 -17.02
N PRO B 156 -33.35 27.52 -17.69
CA PRO B 156 -34.81 27.67 -17.61
C PRO B 156 -35.50 26.63 -18.48
N THR B 157 -35.54 25.39 -17.99
CA THR B 157 -36.15 24.28 -18.73
C THR B 157 -36.69 23.20 -17.80
N GLY B 158 -37.99 23.23 -17.54
CA GLY B 158 -38.58 22.22 -16.67
C GLY B 158 -37.72 22.10 -15.43
N ILE B 159 -37.21 20.89 -15.16
CA ILE B 159 -36.34 20.70 -13.99
C ILE B 159 -34.90 20.53 -14.43
N GLN B 160 -34.00 20.62 -13.46
CA GLN B 160 -32.58 20.50 -13.72
C GLN B 160 -32.04 19.09 -13.49
N PRO B 161 -30.91 18.76 -14.16
CA PRO B 161 -30.26 17.45 -14.07
C PRO B 161 -30.23 16.88 -12.69
N ASN B 162 -29.90 15.60 -12.64
CA ASN B 162 -29.79 14.92 -11.37
C ASN B 162 -28.51 15.53 -10.85
N ASN B 163 -28.41 15.59 -9.55
CA ASN B 163 -27.24 16.14 -8.91
C ASN B 163 -26.45 14.95 -8.44
N LYS B 164 -27.08 13.77 -8.48
CA LYS B 164 -26.37 12.59 -8.03
C LYS B 164 -25.73 11.83 -9.18
N ILE B 165 -24.61 11.21 -8.85
CA ILE B 165 -23.81 10.40 -9.76
C ILE B 165 -23.13 9.42 -8.83
N THR B 166 -22.89 8.21 -9.28
CA THR B 166 -22.23 7.26 -8.40
C THR B 166 -21.15 6.49 -9.12
N PHE B 167 -20.16 5.98 -8.37
CA PHE B 167 -19.05 5.21 -8.95
C PHE B 167 -18.86 3.86 -8.25
N ASP B 168 -18.49 2.83 -9.00
CA ASP B 168 -18.32 1.51 -8.43
C ASP B 168 -16.89 1.05 -8.21
N MET B 169 -16.65 0.47 -7.04
CA MET B 169 -15.33 -0.04 -6.65
C MET B 169 -15.37 -1.53 -6.40
N SER B 170 -16.56 -2.10 -6.53
CA SER B 170 -16.74 -3.51 -6.28
C SER B 170 -15.74 -4.39 -7.04
N ASN B 171 -15.10 -3.84 -8.07
CA ASN B 171 -14.12 -4.63 -8.81
C ASN B 171 -12.71 -4.09 -8.66
N VAL B 172 -12.53 -2.78 -8.85
CA VAL B 172 -11.19 -2.21 -8.70
C VAL B 172 -10.64 -2.64 -7.34
N GLY B 173 -11.56 -2.87 -6.41
CA GLY B 173 -11.19 -3.27 -5.05
C GLY B 173 -10.68 -2.03 -4.34
N ALA B 174 -11.54 -1.40 -3.56
CA ALA B 174 -11.11 -0.21 -2.86
C ALA B 174 -11.22 -0.32 -1.36
N GLU B 175 -10.11 -0.12 -0.68
CA GLU B 175 -10.09 -0.17 0.77
C GLU B 175 -10.21 1.29 1.23
N ILE B 176 -10.64 1.51 2.46
CA ILE B 176 -10.81 2.86 2.98
C ILE B 176 -9.57 3.71 2.83
N GLY B 177 -8.42 3.13 3.15
CA GLY B 177 -7.19 3.88 3.02
C GLY B 177 -7.07 4.40 1.60
N ASP B 178 -7.36 3.53 0.65
CA ASP B 178 -7.30 3.83 -0.76
C ASP B 178 -7.91 5.17 -1.14
N MET B 179 -9.03 5.49 -0.52
CA MET B 179 -9.75 6.74 -0.82
C MET B 179 -8.83 7.92 -1.01
N GLY B 180 -8.00 8.19 -0.01
CA GLY B 180 -7.09 9.31 -0.09
C GLY B 180 -6.50 9.50 -1.49
N LYS B 181 -6.16 8.38 -2.14
CA LYS B 181 -5.56 8.40 -3.49
C LYS B 181 -6.48 9.08 -4.50
N TYR B 182 -7.77 8.81 -4.37
CA TYR B 182 -8.79 9.39 -5.23
C TYR B 182 -8.98 10.84 -4.84
N ALA B 183 -9.82 11.53 -5.59
CA ALA B 183 -10.11 12.92 -5.33
C ALA B 183 -11.04 13.42 -6.39
N LEU B 184 -12.05 14.19 -5.96
CA LEU B 184 -13.02 14.74 -6.88
C LEU B 184 -12.56 16.04 -7.51
N ILE B 185 -13.08 16.31 -8.69
CA ILE B 185 -12.72 17.52 -9.41
C ILE B 185 -13.92 18.29 -9.98
N VAL B 186 -13.64 19.48 -10.48
CA VAL B 186 -14.65 20.35 -11.06
C VAL B 186 -14.04 21.35 -12.02
N TYR B 187 -14.79 21.68 -13.06
CA TYR B 187 -14.30 22.63 -14.02
C TYR B 187 -15.40 23.64 -14.31
N SER B 188 -15.20 24.92 -13.98
CA SER B 188 -16.24 25.91 -14.25
C SER B 188 -16.13 26.36 -15.70
N LYS B 189 -16.97 25.77 -16.55
CA LYS B 189 -16.93 26.10 -17.97
C LYS B 189 -17.29 27.53 -18.28
N ASP B 190 -18.16 28.12 -17.46
CA ASP B 190 -18.60 29.50 -17.70
C ASP B 190 -18.32 30.44 -16.51
N ASP B 191 -19.38 30.99 -15.93
CA ASP B 191 -19.22 31.89 -14.79
C ASP B 191 -18.25 31.25 -13.81
N VAL B 192 -17.47 32.08 -13.14
CA VAL B 192 -16.55 31.59 -12.14
C VAL B 192 -17.42 31.26 -10.95
N LEU B 193 -17.56 29.99 -10.62
CA LEU B 193 -18.38 29.67 -9.47
C LEU B 193 -17.69 30.20 -8.22
N GLU B 194 -18.49 30.51 -7.19
CA GLU B 194 -17.98 31.00 -5.90
C GLU B 194 -18.10 29.92 -4.84
N ALA B 195 -17.26 29.99 -3.81
CA ALA B 195 -17.26 28.99 -2.75
C ALA B 195 -18.65 28.80 -2.13
N ASP B 196 -19.56 29.71 -2.49
CA ASP B 196 -20.92 29.71 -1.98
C ASP B 196 -21.98 29.39 -3.04
N GLU B 197 -21.55 29.12 -4.27
CA GLU B 197 -22.50 28.79 -5.31
C GLU B 197 -22.97 27.34 -5.15
N MET B 198 -22.35 26.60 -4.21
CA MET B 198 -22.74 25.21 -4.03
C MET B 198 -22.01 24.45 -2.90
N VAL B 199 -22.60 23.32 -2.48
CA VAL B 199 -22.05 22.44 -1.44
C VAL B 199 -22.28 20.98 -1.83
N ILE B 200 -21.22 20.19 -1.81
CA ILE B 200 -21.36 18.78 -2.19
C ILE B 200 -21.20 17.80 -1.06
N HIS B 201 -22.03 16.76 -1.14
CA HIS B 201 -22.04 15.67 -0.19
C HIS B 201 -21.65 14.42 -0.95
N ILE B 202 -20.68 13.69 -0.42
CA ILE B 202 -20.17 12.48 -1.05
C ILE B 202 -20.43 11.32 -0.13
N ASP B 203 -21.28 10.41 -0.57
CA ASP B 203 -21.62 9.26 0.24
C ASP B 203 -20.75 8.05 -0.10
N ILE B 204 -20.34 7.30 0.93
CA ILE B 204 -19.45 6.15 0.75
C ILE B 204 -19.91 4.81 1.27
N GLU B 205 -20.37 3.94 0.36
CA GLU B 205 -20.82 2.62 0.76
C GLU B 205 -19.59 1.79 1.07
N HIS B 206 -19.61 1.10 2.21
CA HIS B 206 -18.51 0.24 2.62
C HIS B 206 -18.97 -0.68 3.73
N GLN B 207 -18.09 -1.59 4.12
CA GLN B 207 -18.40 -2.55 5.17
C GLN B 207 -18.58 -1.88 6.52
N ARG B 208 -19.61 -2.31 7.25
CA ARG B 208 -19.87 -1.75 8.57
C ARG B 208 -18.56 -1.90 9.37
N ILE B 209 -18.23 -0.87 10.14
CA ILE B 209 -17.01 -0.87 10.95
C ILE B 209 -17.25 -1.65 12.25
N PRO B 210 -16.17 -2.07 12.94
CA PRO B 210 -16.24 -2.81 14.21
C PRO B 210 -17.49 -2.58 15.06
N SER B 211 -18.13 -3.67 15.45
CA SER B 211 -19.35 -3.62 16.26
C SER B 211 -19.25 -2.64 17.44
N ALA B 212 -18.03 -2.15 17.70
CA ALA B 212 -17.81 -1.24 18.82
C ALA B 212 -18.51 -1.91 19.98
N SER B 213 -17.99 -3.08 20.36
CA SER B 213 -18.55 -3.91 21.42
C SER B 213 -18.64 -3.27 22.81
N THR B 214 -17.50 -2.81 23.34
CA THR B 214 -17.48 -2.24 24.69
C THR B 214 -17.00 -0.79 24.85
N LEU B 215 -17.53 -0.13 25.88
CA LEU B 215 -17.20 1.26 26.18
C LEU B 215 -15.73 1.60 26.11
N PRO B 216 -15.43 2.80 25.60
CA PRO B 216 -14.12 3.42 25.39
C PRO B 216 -13.08 3.36 26.49
N VAL B 217 -11.87 3.83 26.16
CA VAL B 217 -10.70 3.87 27.03
C VAL B 217 -11.09 3.78 28.50
N THR C 36 3.93 -43.88 -10.34
CA THR C 36 4.10 -43.58 -11.80
C THR C 36 4.21 -42.07 -12.05
N GLN C 37 4.56 -41.33 -11.00
CA GLN C 37 4.75 -39.90 -11.05
C GLN C 37 6.22 -39.60 -11.35
N GLN C 38 7.13 -40.53 -11.03
CA GLN C 38 8.59 -40.46 -11.29
C GLN C 38 8.80 -40.52 -12.80
N VAL C 39 8.14 -41.45 -13.45
CA VAL C 39 8.26 -41.66 -14.89
C VAL C 39 7.81 -40.43 -15.67
N ASN C 40 6.66 -39.86 -15.34
CA ASN C 40 6.15 -38.67 -16.01
C ASN C 40 7.08 -37.48 -15.77
N ARG C 41 7.74 -37.48 -14.62
CA ARG C 41 8.62 -36.41 -14.27
C ARG C 41 9.82 -36.45 -15.18
N LEU C 42 10.30 -37.66 -15.47
CA LEU C 42 11.42 -37.77 -16.37
C LEU C 42 11.02 -37.40 -17.81
N ALA C 43 9.79 -37.73 -18.22
CA ALA C 43 9.28 -37.40 -19.55
C ALA C 43 9.18 -35.88 -19.73
N ASN C 44 8.78 -35.19 -18.67
CA ASN C 44 8.70 -33.75 -18.71
C ASN C 44 10.11 -33.17 -18.87
N ILE C 45 11.07 -33.64 -18.06
CA ILE C 45 12.44 -33.13 -18.07
C ILE C 45 13.11 -33.36 -19.42
N ALA C 46 12.87 -34.54 -19.99
CA ALA C 46 13.44 -34.90 -21.28
C ALA C 46 12.91 -33.98 -22.37
N SER C 47 11.66 -33.55 -22.23
CA SER C 47 11.05 -32.66 -23.21
C SER C 47 11.70 -31.28 -23.22
N SER C 48 11.97 -30.73 -22.04
CA SER C 48 12.60 -29.41 -21.95
C SER C 48 13.95 -29.44 -22.68
N SER C 49 14.60 -30.60 -22.60
CA SER C 49 15.91 -30.82 -23.20
C SER C 49 15.92 -31.49 -24.57
N ALA C 50 15.36 -30.80 -25.57
CA ALA C 50 15.30 -31.33 -26.93
C ALA C 50 14.84 -30.25 -27.91
N PRO C 51 15.69 -29.86 -28.86
CA PRO C 51 15.28 -28.83 -29.82
C PRO C 51 13.86 -29.05 -30.34
N SER C 52 12.99 -28.05 -30.17
CA SER C 52 11.59 -28.12 -30.63
C SER C 52 11.41 -27.38 -31.95
N LEU C 53 10.45 -27.83 -32.76
CA LEU C 53 10.20 -27.22 -34.07
C LEU C 53 9.44 -25.90 -34.03
N GLN C 54 9.82 -25.03 -33.12
CA GLN C 54 9.18 -23.73 -32.98
C GLN C 54 10.13 -22.68 -32.40
N HIS C 55 11.42 -23.01 -32.34
CA HIS C 55 12.43 -22.09 -31.81
C HIS C 55 13.72 -22.07 -32.64
N PRO C 56 14.35 -20.89 -32.77
CA PRO C 56 15.60 -20.77 -33.53
C PRO C 56 16.72 -21.28 -32.62
N THR C 57 16.70 -20.78 -31.39
CA THR C 57 17.63 -21.16 -30.34
C THR C 57 17.01 -20.77 -29.00
N PHE C 58 15.85 -20.11 -29.05
CA PHE C 58 15.15 -19.68 -27.84
C PHE C 58 14.67 -20.91 -27.05
N ILE C 59 15.31 -21.15 -25.91
CA ILE C 59 14.98 -22.30 -25.06
C ILE C 59 13.52 -22.33 -24.64
N ALA C 60 13.09 -23.44 -24.05
CA ALA C 60 11.71 -23.60 -23.60
C ALA C 60 11.33 -22.49 -22.63
N SER C 61 10.09 -22.52 -22.13
CA SER C 61 9.62 -21.49 -21.20
C SER C 61 8.22 -21.81 -20.67
N LYS C 62 8.16 -22.70 -19.68
CA LYS C 62 6.89 -23.10 -19.06
C LYS C 62 6.31 -21.97 -18.21
N LYS C 63 4.98 -21.88 -18.14
CA LYS C 63 4.34 -20.83 -17.35
C LYS C 63 4.14 -21.24 -15.90
N CYS C 64 3.94 -20.26 -15.01
CA CYS C 64 3.81 -20.51 -13.57
C CYS C 64 2.44 -20.39 -12.90
N ARG C 65 1.36 -20.67 -13.61
CA ARG C 65 0.04 -20.60 -12.99
C ARG C 65 -1.16 -20.86 -13.88
N ALA C 66 -2.18 -21.44 -13.26
CA ALA C 66 -3.44 -21.74 -13.94
C ALA C 66 -4.47 -20.78 -13.37
N GLY C 67 -5.46 -20.45 -14.19
CA GLY C 67 -6.48 -19.52 -13.75
C GLY C 67 -5.90 -18.12 -13.78
N TYR C 68 -4.64 -18.07 -14.21
CA TYR C 68 -3.91 -16.82 -14.31
C TYR C 68 -3.69 -16.51 -15.77
N THR C 69 -3.63 -15.22 -16.08
CA THR C 69 -3.36 -14.80 -17.44
C THR C 69 -2.12 -13.97 -17.25
N TYR C 70 -1.52 -13.52 -18.33
CA TYR C 70 -0.35 -12.70 -18.19
C TYR C 70 -0.48 -11.49 -19.08
N THR C 71 0.57 -10.69 -19.11
CA THR C 71 0.61 -9.47 -19.89
C THR C 71 2.08 -9.18 -20.22
N SER C 72 2.37 -8.95 -21.49
CA SER C 72 3.76 -8.68 -21.86
C SER C 72 4.01 -7.18 -22.02
N LEU C 73 5.30 -6.83 -22.07
CA LEU C 73 5.71 -5.44 -22.22
C LEU C 73 6.86 -5.33 -23.19
N ASP C 74 6.93 -4.21 -23.87
CA ASP C 74 7.99 -4.02 -24.84
C ASP C 74 9.01 -3.03 -24.31
N VAL C 75 10.29 -3.35 -24.52
CA VAL C 75 11.33 -2.49 -24.02
C VAL C 75 12.54 -2.23 -24.90
N ARG C 76 12.40 -1.23 -25.78
CA ARG C 76 13.50 -0.84 -26.64
C ARG C 76 14.44 -0.07 -25.74
N PRO C 77 15.58 -0.66 -25.42
CA PRO C 77 16.53 0.01 -24.54
C PRO C 77 17.26 1.11 -25.28
N THR C 78 17.51 2.22 -24.59
CA THR C 78 18.22 3.33 -25.19
C THR C 78 19.62 2.84 -25.46
N ARG C 79 20.26 3.38 -26.49
CA ARG C 79 21.62 2.97 -26.80
C ARG C 79 22.37 3.20 -25.49
N THR C 80 23.06 2.16 -25.04
CA THR C 80 23.78 2.23 -23.78
C THR C 80 25.26 1.90 -23.93
N GLU C 81 26.09 2.86 -23.56
CA GLU C 81 27.55 2.75 -23.62
C GLU C 81 28.12 1.43 -23.18
N LYS C 82 29.44 1.32 -23.30
CA LYS C 82 30.09 0.11 -22.85
C LYS C 82 30.19 0.36 -21.34
N ASP C 83 30.20 -0.70 -20.56
CA ASP C 83 30.29 -0.58 -19.11
C ASP C 83 29.21 0.30 -18.49
N LYS C 84 28.34 0.88 -19.31
CA LYS C 84 27.27 1.71 -18.80
C LYS C 84 26.06 0.77 -18.66
N SER C 85 25.13 1.07 -17.76
CA SER C 85 23.95 0.22 -17.58
C SER C 85 22.67 0.98 -17.89
N PHE C 86 21.67 0.26 -18.36
CA PHE C 86 20.37 0.85 -18.68
C PHE C 86 19.31 0.16 -17.83
N GLY C 87 18.27 0.90 -17.47
CA GLY C 87 17.21 0.31 -16.67
C GLY C 87 15.86 0.96 -16.90
N GLN C 88 14.82 0.20 -16.65
CA GLN C 88 13.45 0.68 -16.84
C GLN C 88 12.54 0.23 -15.69
N ARG C 89 11.72 1.13 -15.18
CA ARG C 89 10.82 0.78 -14.09
C ARG C 89 9.67 -0.04 -14.64
N LEU C 90 8.93 -0.71 -13.77
CA LEU C 90 7.80 -1.51 -14.23
C LEU C 90 6.54 -0.68 -14.36
N ILE C 91 6.33 -0.14 -15.55
CA ILE C 91 5.16 0.69 -15.79
C ILE C 91 3.99 -0.08 -16.37
N ILE C 92 3.17 -0.64 -15.49
CA ILE C 92 2.01 -1.42 -15.91
C ILE C 92 1.21 -0.62 -16.94
N PRO C 93 0.41 -1.30 -17.77
CA PRO C 93 -0.35 -0.56 -18.77
C PRO C 93 -1.71 -0.14 -18.32
N VAL C 94 -2.23 0.76 -19.13
CA VAL C 94 -3.52 1.38 -18.97
C VAL C 94 -4.75 0.55 -18.57
N PRO C 95 -4.92 -0.65 -19.14
CA PRO C 95 -6.11 -1.37 -18.72
C PRO C 95 -5.96 -2.25 -17.48
N VAL C 96 -4.73 -2.64 -17.17
CA VAL C 96 -4.53 -3.49 -16.00
C VAL C 96 -4.24 -2.63 -14.81
N SER C 97 -3.38 -1.64 -15.04
CA SER C 97 -2.99 -0.73 -14.00
C SER C 97 -4.17 -0.33 -13.14
N GLU C 98 -5.37 -0.69 -13.60
CA GLU C 98 -6.56 -0.32 -12.85
C GLU C 98 -7.10 -1.28 -11.82
N TYR C 99 -6.59 -2.50 -11.78
CA TYR C 99 -7.02 -3.48 -10.79
C TYR C 99 -5.82 -3.84 -9.93
N PRO C 100 -5.15 -2.82 -9.35
CA PRO C 100 -3.96 -3.00 -8.51
C PRO C 100 -4.01 -4.05 -7.41
N LYS C 101 -5.21 -4.40 -6.99
CA LYS C 101 -5.35 -5.39 -5.94
C LYS C 101 -5.07 -6.79 -6.42
N LYS C 102 -4.85 -6.93 -7.72
CA LYS C 102 -4.57 -8.22 -8.31
C LYS C 102 -3.13 -8.66 -8.06
N LYS C 103 -2.98 -9.91 -7.63
CA LYS C 103 -1.68 -10.48 -7.32
C LYS C 103 -0.91 -11.01 -8.52
N VAL C 104 0.41 -10.98 -8.39
CA VAL C 104 1.33 -11.45 -9.42
C VAL C 104 2.07 -12.69 -8.92
N SER C 105 2.23 -13.68 -9.78
CA SER C 105 2.93 -14.90 -9.39
C SER C 105 4.40 -14.74 -9.78
N CYS C 106 4.66 -14.74 -11.08
CA CYS C 106 6.01 -14.58 -11.56
C CYS C 106 6.05 -13.57 -12.71
N VAL C 107 7.26 -13.34 -13.23
CA VAL C 107 7.44 -12.40 -14.32
C VAL C 107 8.63 -12.80 -15.18
N GLN C 108 8.33 -13.34 -16.35
CA GLN C 108 9.36 -13.78 -17.28
C GLN C 108 9.84 -12.61 -18.11
N VAL C 109 11.04 -12.77 -18.64
CA VAL C 109 11.67 -11.77 -19.45
C VAL C 109 12.31 -12.40 -20.66
N ARG C 110 11.56 -12.46 -21.75
CA ARG C 110 12.09 -12.99 -22.99
C ARG C 110 12.70 -11.77 -23.69
N LEU C 111 13.76 -12.00 -24.45
CA LEU C 111 14.41 -10.90 -25.16
C LEU C 111 14.73 -11.30 -26.59
N ASN C 112 13.93 -10.80 -27.52
CA ASN C 112 14.12 -11.07 -28.94
C ASN C 112 15.15 -10.05 -29.40
N PRO C 113 16.37 -10.49 -29.72
CA PRO C 113 17.42 -9.58 -30.18
C PRO C 113 17.32 -9.34 -31.65
N SER C 114 17.78 -8.17 -32.09
CA SER C 114 17.75 -7.88 -33.53
C SER C 114 19.01 -8.50 -34.11
N PRO C 115 19.12 -8.58 -35.45
CA PRO C 115 20.34 -9.18 -36.01
C PRO C 115 21.55 -8.30 -35.71
N LYS C 116 21.29 -7.01 -35.49
CA LYS C 116 22.34 -6.06 -35.16
C LYS C 116 22.85 -6.30 -33.73
N PHE C 117 22.16 -7.15 -32.96
CA PHE C 117 22.59 -7.45 -31.59
C PHE C 117 23.99 -8.00 -31.58
N ASN C 118 24.94 -7.15 -31.23
CA ASN C 118 26.33 -7.55 -31.22
C ASN C 118 26.90 -7.67 -29.81
N SER C 119 26.48 -6.77 -28.92
CA SER C 119 26.99 -6.78 -27.57
C SER C 119 26.65 -8.03 -26.76
N THR C 120 27.14 -8.04 -25.52
CA THR C 120 26.91 -9.12 -24.56
C THR C 120 26.57 -8.38 -23.25
N ILE C 121 25.44 -8.75 -22.63
CA ILE C 121 24.99 -8.07 -21.40
C ILE C 121 24.40 -8.90 -20.26
N TRP C 122 24.43 -8.31 -19.07
CA TRP C 122 23.89 -8.94 -17.87
C TRP C 122 22.62 -8.18 -17.59
N VAL C 123 21.60 -8.89 -17.13
CA VAL C 123 20.30 -8.31 -16.86
C VAL C 123 19.58 -8.99 -15.72
N SER C 124 18.75 -8.23 -15.01
CA SER C 124 17.98 -8.74 -13.89
C SER C 124 16.95 -7.69 -13.47
N LEU C 125 16.52 -7.75 -12.22
CA LEU C 125 15.57 -6.78 -11.68
C LEU C 125 15.18 -7.02 -10.22
N ARG C 126 14.90 -5.94 -9.51
CA ARG C 126 14.50 -6.05 -8.12
C ARG C 126 13.73 -4.83 -7.64
N ARG C 127 13.36 -4.87 -6.36
CA ARG C 127 12.63 -3.82 -5.69
C ARG C 127 13.50 -2.59 -5.77
N LEU C 128 12.89 -1.41 -5.76
CA LEU C 128 13.68 -0.22 -5.86
C LEU C 128 13.25 0.98 -5.03
N ASP C 129 14.17 1.93 -4.90
CA ASP C 129 13.91 3.13 -4.14
C ASP C 129 14.32 4.35 -4.93
N GLU C 130 13.86 4.43 -6.18
CA GLU C 130 14.12 5.54 -7.08
C GLU C 130 15.49 6.13 -6.91
N THR C 131 15.68 6.78 -5.77
CA THR C 131 16.92 7.41 -5.35
C THR C 131 18.10 6.52 -5.72
N THR C 132 18.12 5.31 -5.16
CA THR C 132 19.19 4.36 -5.44
C THR C 132 19.46 4.51 -6.94
N LEU C 133 20.69 4.85 -7.28
CA LEU C 133 20.98 5.05 -8.68
C LEU C 133 21.83 4.01 -9.39
N LEU C 134 21.36 3.66 -10.59
CA LEU C 134 21.96 2.69 -11.49
C LEU C 134 23.42 2.98 -11.79
N THR C 135 24.10 3.61 -10.84
CA THR C 135 25.50 3.89 -11.05
C THR C 135 26.13 2.52 -11.19
N SER C 136 26.93 2.36 -12.22
CA SER C 136 27.59 1.08 -12.47
C SER C 136 27.92 0.39 -11.15
N GLU C 137 28.73 1.05 -10.33
CA GLU C 137 29.12 0.48 -9.04
C GLU C 137 27.94 -0.05 -8.21
N ASN C 138 26.88 0.74 -8.12
CA ASN C 138 25.72 0.31 -7.36
C ASN C 138 25.21 -1.01 -7.90
N VAL C 139 25.05 -1.05 -9.22
CA VAL C 139 24.58 -2.22 -9.94
C VAL C 139 25.24 -3.52 -9.45
N PHE C 140 26.55 -3.59 -9.69
CA PHE C 140 27.30 -4.75 -9.29
C PHE C 140 26.89 -5.19 -7.92
N LYS C 141 26.99 -4.26 -6.98
CA LYS C 141 26.64 -4.51 -5.59
C LYS C 141 25.56 -5.59 -5.42
N LEU C 142 24.41 -5.32 -6.02
CA LEU C 142 23.27 -6.22 -5.93
C LEU C 142 23.41 -7.41 -6.84
N PHE C 143 23.81 -7.15 -8.06
CA PHE C 143 24.02 -8.22 -9.03
C PHE C 143 24.63 -9.41 -8.26
N THR C 144 25.67 -9.09 -7.50
CA THR C 144 26.43 -10.03 -6.71
C THR C 144 25.94 -10.23 -5.27
N ASP C 145 24.91 -11.04 -5.14
CA ASP C 145 24.32 -11.37 -3.85
C ASP C 145 23.10 -12.22 -4.09
N GLY C 146 22.43 -12.58 -3.00
CA GLY C 146 21.23 -13.40 -3.08
C GLY C 146 20.19 -12.98 -4.12
N LEU C 147 20.37 -13.48 -5.34
CA LEU C 147 19.46 -13.20 -6.45
C LEU C 147 19.91 -13.60 -7.87
N ALA C 148 18.93 -14.03 -8.67
CA ALA C 148 19.10 -14.49 -10.05
C ALA C 148 19.42 -13.43 -11.09
N VAL C 149 20.28 -13.76 -12.04
CA VAL C 149 20.68 -12.84 -13.10
C VAL C 149 20.96 -13.57 -14.41
N LEU C 150 20.58 -12.95 -15.52
CA LEU C 150 20.80 -13.55 -16.82
C LEU C 150 21.86 -12.84 -17.64
N ILE C 151 22.68 -13.62 -18.33
CA ILE C 151 23.73 -13.10 -19.19
C ILE C 151 23.41 -13.47 -20.63
N TYR C 152 23.50 -12.49 -21.52
CA TYR C 152 23.23 -12.75 -22.91
C TYR C 152 24.38 -12.26 -23.78
N GLN C 153 25.11 -13.23 -24.33
CA GLN C 153 26.27 -13.00 -25.16
C GLN C 153 25.95 -13.30 -26.60
N HIS C 154 26.58 -12.55 -27.49
CA HIS C 154 26.36 -12.79 -28.88
C HIS C 154 27.38 -13.80 -29.34
N VAL C 155 26.90 -14.98 -29.68
CA VAL C 155 27.76 -16.05 -30.15
C VAL C 155 27.60 -16.09 -31.67
N PRO C 156 28.57 -16.71 -32.37
CA PRO C 156 28.54 -16.81 -33.84
C PRO C 156 27.83 -18.06 -34.35
N THR C 157 28.00 -19.17 -33.64
CA THR C 157 27.37 -20.45 -34.02
C THR C 157 25.86 -20.38 -33.72
N GLY C 158 25.15 -19.56 -34.49
CA GLY C 158 23.72 -19.38 -34.29
C GLY C 158 23.55 -18.21 -33.33
N ILE C 159 22.86 -18.45 -32.23
CA ILE C 159 22.67 -17.42 -31.20
C ILE C 159 22.29 -18.03 -29.86
N GLN C 160 22.72 -17.37 -28.79
CA GLN C 160 22.44 -17.83 -27.43
C GLN C 160 21.04 -18.38 -27.35
N PRO C 161 20.85 -19.46 -26.58
CA PRO C 161 19.53 -20.08 -26.43
C PRO C 161 18.70 -19.39 -25.35
N ASN C 162 18.77 -19.91 -24.12
CA ASN C 162 18.04 -19.33 -22.99
C ASN C 162 18.01 -17.81 -23.12
N ASN C 163 16.91 -17.30 -23.63
CA ASN C 163 16.82 -15.87 -23.78
C ASN C 163 15.79 -15.39 -22.80
N LYS C 164 15.24 -16.32 -22.02
CA LYS C 164 14.23 -15.98 -21.03
C LYS C 164 14.71 -16.35 -19.63
N ILE C 165 14.09 -15.72 -18.65
CA ILE C 165 14.37 -15.90 -17.23
C ILE C 165 13.12 -15.42 -16.49
N THR C 166 12.79 -16.06 -15.38
CA THR C 166 11.60 -15.70 -14.62
C THR C 166 11.87 -15.44 -13.14
N PHE C 167 11.01 -14.64 -12.53
CA PHE C 167 11.16 -14.33 -11.10
C PHE C 167 9.83 -14.56 -10.39
N ASP C 168 9.90 -15.05 -9.15
CA ASP C 168 8.68 -15.30 -8.41
C ASP C 168 8.35 -14.32 -7.30
N MET C 169 7.08 -13.95 -7.25
CA MET C 169 6.56 -12.99 -6.28
C MET C 169 5.53 -13.63 -5.38
N SER C 170 5.22 -14.89 -5.61
CA SER C 170 4.24 -15.56 -4.79
C SER C 170 4.50 -15.21 -3.33
N ASN C 171 5.56 -15.78 -2.77
CA ASN C 171 5.99 -15.58 -1.38
C ASN C 171 6.01 -14.11 -0.94
N VAL C 172 6.82 -13.31 -1.62
CA VAL C 172 6.95 -11.90 -1.31
C VAL C 172 5.59 -11.26 -1.21
N GLY C 173 4.66 -11.81 -2.01
CA GLY C 173 3.31 -11.29 -2.05
C GLY C 173 3.39 -10.04 -2.90
N ALA C 174 3.04 -10.16 -4.16
CA ALA C 174 3.12 -9.00 -5.02
C ALA C 174 1.81 -8.64 -5.69
N GLU C 175 1.36 -7.42 -5.45
CA GLU C 175 0.12 -6.94 -6.04
C GLU C 175 0.53 -6.22 -7.32
N ILE C 176 -0.44 -6.02 -8.22
CA ILE C 176 -0.20 -5.33 -9.48
C ILE C 176 0.43 -3.96 -9.26
N GLY C 177 -0.13 -3.23 -8.30
CA GLY C 177 0.41 -1.91 -8.02
C GLY C 177 1.88 -2.01 -7.69
N ASP C 178 2.20 -3.01 -6.87
CA ASP C 178 3.56 -3.28 -6.43
C ASP C 178 4.60 -3.23 -7.53
N MET C 179 4.25 -3.76 -8.71
CA MET C 179 5.17 -3.79 -9.85
C MET C 179 5.97 -2.53 -10.02
N GLY C 180 5.29 -1.40 -10.15
CA GLY C 180 5.99 -0.13 -10.30
C GLY C 180 7.26 -0.03 -9.45
N LYS C 181 7.18 -0.55 -8.23
CA LYS C 181 8.30 -0.54 -7.28
C LYS C 181 9.54 -1.20 -7.89
N TYR C 182 9.33 -2.35 -8.51
CA TYR C 182 10.41 -3.09 -9.15
C TYR C 182 10.87 -2.40 -10.43
N ALA C 183 11.93 -2.95 -11.02
CA ALA C 183 12.46 -2.37 -12.24
C ALA C 183 13.53 -3.28 -12.84
N LEU C 184 13.53 -3.39 -14.17
CA LEU C 184 14.48 -4.22 -14.90
C LEU C 184 15.77 -3.46 -15.19
N ILE C 185 16.89 -4.19 -15.20
CA ILE C 185 18.18 -3.60 -15.45
C ILE C 185 18.98 -4.28 -16.58
N VAL C 186 20.04 -3.61 -17.03
CA VAL C 186 20.91 -4.11 -18.07
C VAL C 186 22.30 -3.52 -18.00
N TYR C 187 23.31 -4.34 -18.29
CA TYR C 187 24.66 -3.85 -18.25
C TYR C 187 25.38 -4.27 -19.52
N SER C 188 25.78 -3.30 -20.35
CA SER C 188 26.49 -3.62 -21.59
C SER C 188 27.96 -3.85 -21.27
N LYS C 189 28.33 -5.11 -21.13
CA LYS C 189 29.70 -5.45 -20.77
C LYS C 189 30.73 -5.18 -21.84
N ASP C 190 30.34 -5.23 -23.11
CA ASP C 190 31.30 -5.04 -24.20
C ASP C 190 31.02 -3.91 -25.21
N ASP C 191 30.37 -4.25 -26.32
CA ASP C 191 30.06 -3.25 -27.34
C ASP C 191 29.22 -2.18 -26.68
N VAL C 192 29.15 -1.03 -27.31
CA VAL C 192 28.34 0.04 -26.78
C VAL C 192 26.94 -0.31 -27.29
N LEU C 193 26.32 -1.25 -26.60
CA LEU C 193 24.99 -1.73 -26.95
C LEU C 193 24.13 -0.69 -27.65
N GLU C 194 23.65 -1.02 -28.85
CA GLU C 194 22.83 -0.11 -29.63
C GLU C 194 21.35 -0.22 -29.31
N ALA C 195 20.60 0.82 -29.69
CA ALA C 195 19.16 0.87 -29.44
C ALA C 195 18.43 -0.21 -30.23
N ASP C 196 18.88 -0.40 -31.46
CA ASP C 196 18.33 -1.39 -32.38
C ASP C 196 18.96 -2.75 -32.14
N GLU C 197 19.93 -2.82 -31.23
CA GLU C 197 20.60 -4.09 -30.96
C GLU C 197 19.60 -5.12 -30.41
N MET C 198 18.49 -4.67 -29.80
CA MET C 198 17.52 -5.62 -29.26
C MET C 198 16.26 -5.03 -28.62
N VAL C 199 15.30 -5.91 -28.33
CA VAL C 199 14.01 -5.57 -27.72
C VAL C 199 13.58 -6.62 -26.70
N ILE C 200 13.17 -6.18 -25.51
CA ILE C 200 12.76 -7.13 -24.49
C ILE C 200 11.30 -7.12 -24.19
N HIS C 201 10.80 -8.32 -23.93
CA HIS C 201 9.41 -8.54 -23.60
C HIS C 201 9.35 -9.12 -22.20
N ILE C 202 8.53 -8.49 -21.36
CA ILE C 202 8.36 -8.89 -19.97
C ILE C 202 6.97 -9.47 -19.80
N ASP C 203 6.90 -10.74 -19.45
CA ASP C 203 5.63 -11.41 -19.28
C ASP C 203 5.25 -11.39 -17.80
N ILE C 204 3.97 -11.12 -17.51
CA ILE C 204 3.49 -11.03 -16.12
C ILE C 204 2.32 -11.93 -15.72
N GLU C 205 2.60 -13.00 -14.97
CA GLU C 205 1.53 -13.90 -14.56
C GLU C 205 0.82 -13.27 -13.37
N HIS C 206 -0.50 -13.22 -13.46
CA HIS C 206 -1.34 -12.64 -12.41
C HIS C 206 -2.78 -13.15 -12.55
N GLN C 207 -3.62 -12.80 -11.58
CA GLN C 207 -5.01 -13.22 -11.56
C GLN C 207 -5.81 -12.64 -12.73
N ARG C 208 -6.61 -13.48 -13.36
CA ARG C 208 -7.43 -13.05 -14.47
C ARG C 208 -8.21 -11.83 -13.99
N ILE C 209 -8.53 -10.93 -14.91
CA ILE C 209 -9.30 -9.76 -14.56
C ILE C 209 -10.76 -10.12 -14.75
N PRO C 210 -11.64 -9.59 -13.90
CA PRO C 210 -13.08 -9.86 -14.01
C PRO C 210 -13.62 -9.67 -15.43
N SER C 211 -14.27 -10.70 -15.97
CA SER C 211 -14.84 -10.64 -17.32
C SER C 211 -15.50 -9.27 -17.48
N ALA C 212 -16.07 -8.78 -16.38
CA ALA C 212 -16.73 -7.48 -16.35
C ALA C 212 -17.69 -7.35 -17.52
N SER C 213 -18.44 -8.40 -17.79
CA SER C 213 -19.40 -8.38 -18.89
C SER C 213 -20.43 -7.26 -18.67
N THR C 214 -20.11 -6.08 -19.21
CA THR C 214 -20.95 -4.88 -19.12
C THR C 214 -20.24 -3.69 -19.78
N LEU C 215 -20.55 -3.44 -21.06
CA LEU C 215 -19.94 -2.36 -21.82
C LEU C 215 -19.73 -1.09 -21.00
N PRO C 216 -18.53 -0.48 -21.13
CA PRO C 216 -18.09 0.73 -20.45
C PRO C 216 -19.13 1.82 -20.26
N VAL C 217 -18.76 2.81 -19.45
CA VAL C 217 -19.58 3.97 -19.13
C VAL C 217 -21.05 3.74 -19.45
N ALA D 34 -16.31 -31.67 34.46
CA ALA D 34 -15.54 -30.55 35.07
C ALA D 34 -15.66 -29.27 34.23
N LEU D 35 -15.58 -28.12 34.90
CA LEU D 35 -15.67 -26.81 34.23
C LEU D 35 -14.36 -26.03 34.34
N THR D 36 -13.57 -26.01 33.27
CA THR D 36 -12.29 -25.29 33.27
C THR D 36 -12.35 -24.05 32.37
N GLN D 37 -13.09 -23.05 32.83
CA GLN D 37 -13.24 -21.79 32.10
C GLN D 37 -13.07 -20.67 33.11
N GLN D 38 -12.88 -21.06 34.37
CA GLN D 38 -12.70 -20.12 35.47
C GLN D 38 -11.36 -20.40 36.17
N VAL D 39 -10.95 -21.66 36.16
CA VAL D 39 -9.69 -22.07 36.79
C VAL D 39 -8.55 -21.26 36.16
N ASN D 40 -8.43 -21.35 34.84
CA ASN D 40 -7.46 -20.61 34.09
C ASN D 40 -7.50 -19.12 34.45
N ARG D 41 -8.68 -18.56 34.45
CA ARG D 41 -8.77 -17.15 34.75
C ARG D 41 -8.22 -16.89 36.15
N LEU D 42 -8.72 -17.63 37.14
CA LEU D 42 -8.23 -17.39 38.49
C LEU D 42 -6.72 -17.58 38.60
N ALA D 43 -6.20 -18.64 37.97
CA ALA D 43 -4.76 -18.94 38.00
C ALA D 43 -3.92 -17.79 37.41
N ASN D 44 -4.30 -17.32 36.19
CA ASN D 44 -3.58 -16.27 35.50
C ASN D 44 -3.74 -14.93 36.23
N ILE D 45 -4.87 -14.65 36.83
CA ILE D 45 -5.04 -13.40 37.60
C ILE D 45 -4.21 -13.42 38.89
N ALA D 46 -4.24 -14.58 39.55
CA ALA D 46 -3.36 -14.70 40.75
C ALA D 46 -1.89 -14.44 40.40
N SER D 47 -1.43 -15.07 39.31
CA SER D 47 -0.05 -14.90 38.87
C SER D 47 0.26 -13.43 38.61
N SER D 48 -0.01 -13.05 37.49
CA SER D 48 0.48 -11.79 36.91
C SER D 48 0.68 -10.75 38.01
N SER D 49 -0.08 -10.88 39.10
CA SER D 49 -0.02 -9.95 40.23
C SER D 49 0.78 -10.51 41.43
N ALA D 50 2.07 -10.76 41.21
CA ALA D 50 2.92 -11.28 42.27
C ALA D 50 4.37 -10.86 42.05
N PRO D 51 5.05 -10.46 43.12
CA PRO D 51 6.46 -10.05 43.08
C PRO D 51 7.27 -11.32 43.41
N SER D 52 7.03 -12.37 42.62
CA SER D 52 7.69 -13.68 42.81
C SER D 52 9.23 -13.64 42.83
N LEU D 53 9.87 -14.38 41.91
CA LEU D 53 11.33 -14.41 41.84
C LEU D 53 11.89 -14.29 40.43
N GLN D 54 13.10 -13.74 40.32
CA GLN D 54 13.78 -13.55 39.06
C GLN D 54 13.21 -12.42 38.20
N HIS D 55 13.48 -11.18 38.61
CA HIS D 55 12.99 -10.00 37.87
C HIS D 55 13.09 -8.68 38.64
N PRO D 56 13.50 -7.61 37.94
CA PRO D 56 13.62 -6.29 38.58
C PRO D 56 12.23 -5.68 38.71
N THR D 57 12.16 -4.34 38.80
CA THR D 57 10.87 -3.66 38.88
C THR D 57 10.33 -3.50 37.45
N PHE D 58 10.40 -4.58 36.69
CA PHE D 58 9.93 -4.65 35.31
C PHE D 58 8.66 -5.51 35.29
N ILE D 59 7.55 -4.96 34.79
CA ILE D 59 6.30 -5.72 34.76
C ILE D 59 6.45 -7.02 33.96
N ALA D 60 5.33 -7.70 33.72
CA ALA D 60 5.35 -8.97 32.98
C ALA D 60 5.09 -8.79 31.48
N SER D 61 4.73 -9.88 30.80
CA SER D 61 4.45 -9.86 29.36
C SER D 61 4.03 -11.24 28.84
N LYS D 62 3.22 -11.27 27.78
CA LYS D 62 2.76 -12.53 27.20
C LYS D 62 3.03 -12.61 25.70
N LYS D 63 2.09 -13.21 24.96
CA LYS D 63 2.24 -13.36 23.51
C LYS D 63 0.89 -13.23 22.80
N CYS D 64 0.90 -12.63 21.61
CA CYS D 64 -0.32 -12.46 20.81
C CYS D 64 -0.58 -13.75 20.05
N ARG D 65 -1.37 -13.65 18.98
CA ARG D 65 -1.69 -14.83 18.17
C ARG D 65 -0.44 -15.69 17.99
N ALA D 66 -0.30 -16.74 18.80
CA ALA D 66 0.85 -17.62 18.72
C ALA D 66 0.92 -18.18 17.31
N GLY D 67 2.06 -18.75 16.96
CA GLY D 67 2.23 -19.27 15.60
C GLY D 67 2.75 -18.07 14.82
N TYR D 68 3.13 -17.07 15.61
CA TYR D 68 3.65 -15.81 15.13
C TYR D 68 5.01 -15.69 15.78
N THR D 69 5.84 -14.84 15.19
CA THR D 69 7.15 -14.57 15.75
C THR D 69 7.10 -13.07 15.85
N TYR D 70 8.11 -12.48 16.46
CA TYR D 70 8.11 -11.04 16.57
C TYR D 70 9.49 -10.50 16.19
N THR D 71 9.63 -9.18 16.30
CA THR D 71 10.87 -8.51 15.99
C THR D 71 10.98 -7.27 16.87
N SER D 72 12.13 -7.07 17.48
CA SER D 72 12.30 -5.91 18.34
C SER D 72 13.00 -4.79 17.60
N LEU D 73 12.95 -3.59 18.19
CA LEU D 73 13.59 -2.41 17.63
C LEU D 73 14.25 -1.59 18.73
N ASP D 74 15.37 -0.96 18.41
CA ASP D 74 16.08 -0.16 19.40
C ASP D 74 15.85 1.30 19.14
N VAL D 75 15.61 2.07 20.21
CA VAL D 75 15.36 3.49 20.02
C VAL D 75 15.91 4.42 21.07
N ARG D 76 17.21 4.69 20.99
CA ARG D 76 17.79 5.60 21.94
C ARG D 76 17.26 6.95 21.47
N PRO D 77 16.59 7.69 22.36
CA PRO D 77 16.04 9.00 22.04
C PRO D 77 17.14 10.04 21.95
N THR D 78 16.73 11.27 21.68
CA THR D 78 17.68 12.37 21.59
C THR D 78 17.43 13.22 22.82
N ARG D 79 18.44 13.98 23.21
CA ARG D 79 18.29 14.85 24.36
C ARG D 79 17.09 15.74 24.06
N THR D 80 15.92 15.31 24.50
CA THR D 80 14.72 16.06 24.25
C THR D 80 14.38 16.96 25.42
N GLU D 81 14.33 18.25 25.11
CA GLU D 81 14.05 19.31 26.07
C GLU D 81 12.92 18.97 27.03
N LYS D 82 12.62 19.94 27.88
CA LYS D 82 11.53 19.77 28.82
C LYS D 82 10.34 20.31 28.07
N ASP D 83 9.19 19.66 28.24
CA ASP D 83 7.97 20.08 27.56
C ASP D 83 8.13 19.78 26.08
N LYS D 84 9.26 19.22 25.71
CA LYS D 84 9.48 18.89 24.33
C LYS D 84 9.14 17.43 24.11
N SER D 85 8.80 17.10 22.88
CA SER D 85 8.43 15.74 22.55
C SER D 85 9.38 15.16 21.50
N PHE D 86 9.65 13.87 21.60
CA PHE D 86 10.52 13.20 20.63
C PHE D 86 9.74 12.06 20.01
N GLY D 87 10.03 11.75 18.75
CA GLY D 87 9.33 10.68 18.09
C GLY D 87 10.17 10.01 17.03
N GLN D 88 9.79 8.77 16.71
CA GLN D 88 10.52 8.00 15.71
C GLN D 88 9.52 7.18 14.87
N ARG D 89 9.72 7.16 13.56
CA ARG D 89 8.82 6.40 12.73
C ARG D 89 9.15 4.93 12.88
N LEU D 90 8.27 4.06 12.43
CA LEU D 90 8.55 2.63 12.52
C LEU D 90 9.36 2.19 11.32
N ILE D 91 10.63 1.92 11.56
CA ILE D 91 11.48 1.52 10.46
C ILE D 91 11.86 0.07 10.53
N ILE D 92 11.00 -0.74 9.90
CA ILE D 92 11.16 -2.18 9.81
C ILE D 92 12.60 -2.52 9.39
N PRO D 93 13.07 -3.74 9.71
CA PRO D 93 14.42 -4.15 9.36
C PRO D 93 14.50 -4.77 7.99
N VAL D 94 15.72 -4.71 7.47
CA VAL D 94 16.06 -5.21 6.17
C VAL D 94 15.58 -6.62 5.78
N PRO D 95 15.56 -7.57 6.72
CA PRO D 95 15.10 -8.89 6.29
C PRO D 95 13.58 -9.10 6.30
N VAL D 96 12.88 -8.35 7.15
CA VAL D 96 11.44 -8.50 7.23
C VAL D 96 10.79 -7.52 6.31
N SER D 97 11.30 -6.30 6.33
CA SER D 97 10.76 -5.24 5.50
C SER D 97 10.49 -5.75 4.08
N GLU D 98 11.08 -6.88 3.75
CA GLU D 98 10.92 -7.46 2.42
C GLU D 98 9.62 -8.22 2.22
N TYR D 99 8.82 -8.32 3.26
CA TYR D 99 7.55 -9.02 3.15
C TYR D 99 6.39 -8.20 3.58
N PRO D 100 6.24 -6.99 3.05
CA PRO D 100 5.08 -6.22 3.50
C PRO D 100 3.90 -7.17 3.31
N LYS D 101 2.72 -6.74 3.71
CA LYS D 101 1.56 -7.62 3.56
C LYS D 101 1.66 -8.74 4.59
N LYS D 102 2.61 -8.59 5.51
CA LYS D 102 2.76 -9.56 6.58
C LYS D 102 2.02 -8.94 7.76
N LYS D 103 0.95 -9.59 8.18
CA LYS D 103 0.11 -9.08 9.26
C LYS D 103 0.76 -9.01 10.63
N VAL D 104 0.40 -7.93 11.35
CA VAL D 104 0.86 -7.63 12.69
C VAL D 104 -0.32 -7.77 13.67
N SER D 105 -0.08 -8.42 14.80
CA SER D 105 -1.13 -8.58 15.79
C SER D 105 -1.05 -7.44 16.80
N CYS D 106 0.02 -7.42 17.59
CA CYS D 106 0.21 -6.36 18.56
C CYS D 106 1.61 -5.81 18.46
N VAL D 107 1.89 -4.83 19.30
CA VAL D 107 3.18 -4.17 19.31
C VAL D 107 3.48 -3.67 20.72
N GLN D 108 4.33 -4.40 21.44
CA GLN D 108 4.68 -4.00 22.78
C GLN D 108 5.88 -3.04 22.75
N VAL D 109 6.02 -2.29 23.84
CA VAL D 109 7.10 -1.33 23.96
C VAL D 109 7.69 -1.36 25.36
N ARG D 110 8.76 -2.13 25.52
CA ARG D 110 9.43 -2.21 26.81
C ARG D 110 10.43 -1.08 26.76
N LEU D 111 10.77 -0.52 27.92
CA LEU D 111 11.74 0.56 27.96
C LEU D 111 12.70 0.34 29.10
N ASN D 112 13.91 -0.10 28.77
CA ASN D 112 14.94 -0.30 29.78
C ASN D 112 15.58 1.07 29.95
N PRO D 113 15.41 1.69 31.12
CA PRO D 113 15.97 3.01 31.39
C PRO D 113 17.37 2.90 31.92
N SER D 114 18.15 3.96 31.74
CA SER D 114 19.50 3.94 32.25
C SER D 114 19.41 4.43 33.68
N PRO D 115 20.46 4.19 34.49
CA PRO D 115 20.43 4.66 35.87
C PRO D 115 20.22 6.17 35.90
N LYS D 116 20.72 6.81 34.85
CA LYS D 116 20.63 8.26 34.70
C LYS D 116 19.24 8.74 34.29
N PHE D 117 18.27 7.83 34.27
CA PHE D 117 16.91 8.22 33.93
C PHE D 117 16.38 8.99 35.12
N ASN D 118 16.36 10.30 34.98
CA ASN D 118 15.90 11.16 36.05
C ASN D 118 14.47 11.62 35.80
N SER D 119 14.21 12.09 34.57
CA SER D 119 12.88 12.59 34.22
C SER D 119 11.73 11.60 34.36
N THR D 120 10.58 12.09 33.92
CA THR D 120 9.33 11.34 33.90
C THR D 120 8.72 11.79 32.58
N ILE D 121 8.16 10.83 31.84
CA ILE D 121 7.60 11.09 30.52
C ILE D 121 6.34 10.32 30.10
N TRP D 122 5.66 10.89 29.10
CA TRP D 122 4.45 10.32 28.52
C TRP D 122 4.86 9.74 27.20
N VAL D 123 4.28 8.60 26.85
CA VAL D 123 4.63 7.92 25.62
C VAL D 123 3.47 7.14 25.04
N SER D 124 3.45 7.01 23.73
CA SER D 124 2.39 6.27 23.02
C SER D 124 2.79 6.07 21.55
N LEU D 125 1.80 5.92 20.66
CA LEU D 125 2.10 5.74 19.26
C LEU D 125 0.84 5.60 18.39
N ARG D 126 0.88 6.16 17.18
CA ARG D 126 -0.26 6.09 16.26
C ARG D 126 0.17 6.19 14.78
N ARG D 127 -0.83 6.15 13.90
CA ARG D 127 -0.62 6.25 12.45
C ARG D 127 -0.18 7.68 12.11
N LEU D 128 0.10 7.93 10.83
CA LEU D 128 0.56 9.26 10.41
C LEU D 128 0.49 9.64 8.93
N ASP D 129 1.31 10.64 8.61
CA ASP D 129 1.50 11.22 7.28
C ASP D 129 2.41 12.38 7.63
N GLU D 130 3.72 12.13 7.51
CA GLU D 130 4.79 13.11 7.79
C GLU D 130 4.29 14.53 7.91
N THR D 131 3.33 14.85 7.03
CA THR D 131 2.69 16.14 6.97
C THR D 131 2.56 16.79 8.35
N THR D 132 2.21 15.98 9.34
CA THR D 132 2.03 16.47 10.70
C THR D 132 3.30 16.50 11.54
N LEU D 133 3.45 17.56 12.32
CA LEU D 133 4.61 17.71 13.16
C LEU D 133 4.22 17.85 14.64
N LEU D 134 4.95 17.14 15.49
CA LEU D 134 4.67 17.13 16.93
C LEU D 134 4.88 18.43 17.69
N THR D 135 4.13 19.46 17.30
CA THR D 135 4.23 20.71 18.02
C THR D 135 3.74 20.25 19.37
N SER D 136 4.41 20.65 20.44
CA SER D 136 3.96 20.26 21.77
C SER D 136 2.42 20.25 21.71
N GLU D 137 1.86 21.38 21.29
CA GLU D 137 0.42 21.52 21.18
C GLU D 137 -0.24 20.38 20.40
N ASN D 138 0.34 20.05 19.25
CA ASN D 138 -0.18 18.99 18.40
C ASN D 138 -0.27 17.67 19.16
N VAL D 139 0.81 17.32 19.84
CA VAL D 139 0.89 16.07 20.60
C VAL D 139 -0.27 15.90 21.58
N PHE D 140 -0.43 16.85 22.47
CA PHE D 140 -1.51 16.79 23.44
C PHE D 140 -2.78 16.37 22.74
N LYS D 141 -3.15 17.16 21.74
CA LYS D 141 -4.33 16.92 20.93
C LYS D 141 -4.73 15.45 20.90
N LEU D 142 -3.85 14.64 20.35
CA LEU D 142 -4.10 13.22 20.20
C LEU D 142 -3.94 12.44 21.48
N PHE D 143 -2.89 12.76 22.22
CA PHE D 143 -2.67 12.10 23.49
C PHE D 143 -4.05 11.95 24.17
N THR D 144 -4.78 13.07 24.20
CA THR D 144 -6.10 13.18 24.82
C THR D 144 -7.31 12.84 23.92
N ASP D 145 -7.63 11.56 23.84
CA ASP D 145 -8.76 11.09 23.06
C ASP D 145 -8.76 9.57 22.98
N GLY D 146 -9.60 9.03 22.11
CA GLY D 146 -9.68 7.59 21.95
C GLY D 146 -8.37 6.93 21.59
N LEU D 147 -7.63 6.52 22.64
CA LEU D 147 -6.34 5.84 22.50
C LEU D 147 -5.40 5.74 23.72
N ALA D 148 -4.72 4.58 23.80
CA ALA D 148 -3.77 4.19 24.86
C ALA D 148 -2.59 5.14 25.04
N VAL D 149 -2.04 5.19 26.25
CA VAL D 149 -0.90 6.05 26.57
C VAL D 149 -0.19 5.63 27.83
N LEU D 150 1.13 5.53 27.79
CA LEU D 150 1.89 5.14 28.97
C LEU D 150 2.72 6.25 29.61
N ILE D 151 2.67 6.29 30.94
CA ILE D 151 3.40 7.27 31.71
C ILE D 151 4.51 6.54 32.45
N TYR D 152 5.73 7.06 32.34
CA TYR D 152 6.82 6.42 33.04
C TYR D 152 7.55 7.46 33.88
N GLN D 153 7.39 7.34 35.18
CA GLN D 153 7.98 8.25 36.14
C GLN D 153 9.08 7.60 36.92
N HIS D 154 10.09 8.39 37.26
CA HIS D 154 11.18 7.85 38.03
C HIS D 154 10.83 7.98 39.50
N VAL D 155 10.64 6.83 40.14
CA VAL D 155 10.32 6.79 41.55
C VAL D 155 11.59 6.40 42.29
N PRO D 156 11.81 6.99 43.47
CA PRO D 156 12.99 6.71 44.30
C PRO D 156 12.76 5.54 45.28
N THR D 157 11.77 4.72 44.95
CA THR D 157 11.42 3.54 45.73
C THR D 157 11.65 2.40 44.75
N GLY D 158 12.89 2.36 44.23
CA GLY D 158 13.26 1.37 43.24
C GLY D 158 13.03 2.06 41.90
N ILE D 159 12.02 1.62 41.18
CA ILE D 159 11.68 2.22 39.89
C ILE D 159 10.33 1.71 39.42
N GLN D 160 9.57 2.61 38.78
CA GLN D 160 8.24 2.29 38.30
C GLN D 160 8.10 0.95 37.61
N PRO D 161 7.48 -0.01 38.28
CA PRO D 161 7.28 -1.35 37.71
C PRO D 161 6.71 -1.30 36.29
N ASN D 162 5.40 -1.10 36.15
CA ASN D 162 4.75 -1.05 34.83
C ASN D 162 5.59 -0.24 33.85
N ASN D 163 6.47 -0.93 33.14
CA ASN D 163 7.38 -0.30 32.20
C ASN D 163 7.12 -0.61 30.75
N LYS D 164 6.06 -1.37 30.47
CA LYS D 164 5.76 -1.66 29.08
C LYS D 164 4.27 -1.54 28.79
N ILE D 165 3.98 -1.30 27.53
CA ILE D 165 2.61 -1.11 27.07
C ILE D 165 2.52 -1.73 25.69
N THR D 166 1.35 -2.24 25.33
CA THR D 166 1.20 -2.85 24.02
C THR D 166 -0.06 -2.36 23.30
N PHE D 167 -0.04 -2.45 21.97
CA PHE D 167 -1.15 -2.01 21.14
C PHE D 167 -1.58 -3.16 20.22
N ASP D 168 -2.88 -3.25 19.98
CA ASP D 168 -3.41 -4.31 19.13
C ASP D 168 -3.83 -3.87 17.73
N MET D 169 -3.40 -4.64 16.72
CA MET D 169 -3.72 -4.36 15.31
C MET D 169 -4.55 -5.47 14.71
N SER D 170 -4.82 -6.47 15.54
CA SER D 170 -5.59 -7.62 15.09
C SER D 170 -6.74 -7.15 14.22
N ASN D 171 -7.38 -6.05 14.63
CA ASN D 171 -8.53 -5.52 13.92
C ASN D 171 -8.26 -4.43 12.89
N VAL D 172 -7.53 -3.40 13.25
CA VAL D 172 -7.25 -2.34 12.29
C VAL D 172 -6.69 -2.99 11.02
N GLY D 173 -6.08 -4.15 11.21
CA GLY D 173 -5.48 -4.87 10.11
C GLY D 173 -4.18 -4.18 9.74
N ALA D 174 -3.07 -4.72 10.22
CA ALA D 174 -1.80 -4.09 9.92
C ALA D 174 -0.84 -5.00 9.19
N GLU D 175 -0.39 -4.56 8.02
CA GLU D 175 0.56 -5.34 7.28
C GLU D 175 1.94 -4.76 7.61
N ILE D 176 3.01 -5.50 7.34
CA ILE D 176 4.34 -5.02 7.67
C ILE D 176 4.65 -3.70 7.02
N GLY D 177 4.24 -3.54 5.77
CA GLY D 177 4.51 -2.28 5.10
C GLY D 177 3.92 -1.15 5.93
N ASP D 178 2.67 -1.37 6.36
CA ASP D 178 1.92 -0.41 7.15
C ASP D 178 2.69 0.25 8.27
N MET D 179 3.52 -0.52 8.97
CA MET D 179 4.31 -0.03 10.08
C MET D 179 4.88 1.33 9.86
N GLY D 180 5.64 1.47 8.78
CA GLY D 180 6.24 2.78 8.47
C GLY D 180 5.32 3.96 8.73
N LYS D 181 4.03 3.79 8.44
CA LYS D 181 3.05 4.84 8.63
C LYS D 181 2.98 5.25 10.10
N TYR D 182 3.05 4.24 10.98
CA TYR D 182 3.02 4.46 12.43
C TYR D 182 4.32 5.09 12.92
N ALA D 183 4.33 5.42 14.21
CA ALA D 183 5.50 6.02 14.82
C ALA D 183 5.23 6.28 16.30
N LEU D 184 6.20 5.97 17.14
CA LEU D 184 6.03 6.18 18.57
C LEU D 184 6.48 7.56 18.99
N ILE D 185 5.94 8.05 20.09
CA ILE D 185 6.27 9.37 20.62
C ILE D 185 6.57 9.38 22.11
N VAL D 186 7.04 10.54 22.57
CA VAL D 186 7.35 10.74 23.98
C VAL D 186 7.32 12.21 24.32
N TYR D 187 6.95 12.50 25.55
CA TYR D 187 6.89 13.87 25.97
C TYR D 187 7.53 13.96 27.36
N SER D 188 8.62 14.72 27.46
CA SER D 188 9.32 14.89 28.74
C SER D 188 8.62 15.96 29.56
N LYS D 189 7.75 15.51 30.45
CA LYS D 189 6.97 16.40 31.28
C LYS D 189 7.75 17.29 32.23
N ASP D 190 8.85 16.81 32.80
CA ASP D 190 9.56 17.65 33.75
C ASP D 190 11.06 17.88 33.54
N ASP D 191 11.86 16.82 33.44
CA ASP D 191 13.27 17.03 33.25
C ASP D 191 13.49 17.08 31.77
N VAL D 192 14.61 17.66 31.37
CA VAL D 192 14.96 17.71 29.96
C VAL D 192 15.63 16.36 29.77
N LEU D 193 14.83 15.40 29.36
CA LEU D 193 15.33 14.07 29.16
C LEU D 193 16.59 14.07 28.31
N GLU D 194 17.56 13.23 28.68
CA GLU D 194 18.81 13.12 27.94
C GLU D 194 18.81 11.82 27.14
N ALA D 195 19.68 11.73 26.14
CA ALA D 195 19.75 10.54 25.31
C ALA D 195 20.27 9.33 26.10
N ASP D 196 21.05 9.65 27.13
CA ASP D 196 21.65 8.66 28.01
C ASP D 196 20.70 8.26 29.10
N GLU D 197 19.58 8.98 29.20
CA GLU D 197 18.55 8.75 30.21
C GLU D 197 17.82 7.43 29.98
N MET D 198 17.70 7.00 28.72
CA MET D 198 16.99 5.76 28.45
C MET D 198 17.06 5.24 27.01
N VAL D 199 16.60 4.00 26.82
CA VAL D 199 16.54 3.34 25.52
C VAL D 199 15.30 2.46 25.45
N ILE D 200 14.56 2.57 24.36
CA ILE D 200 13.34 1.77 24.20
C ILE D 200 13.42 0.69 23.17
N HIS D 201 12.80 -0.43 23.52
CA HIS D 201 12.75 -1.57 22.65
C HIS D 201 11.27 -1.75 22.36
N ILE D 202 10.95 -1.86 21.07
CA ILE D 202 9.58 -2.05 20.67
C ILE D 202 9.49 -3.37 19.94
N ASP D 203 8.69 -4.27 20.50
CA ASP D 203 8.55 -5.61 19.96
C ASP D 203 7.30 -5.74 19.11
N ILE D 204 7.41 -6.48 18.00
CA ILE D 204 6.31 -6.63 17.04
C ILE D 204 5.83 -8.04 16.71
N GLU D 205 4.65 -8.38 17.21
CA GLU D 205 4.07 -9.69 16.94
C GLU D 205 3.50 -9.68 15.52
N HIS D 206 3.90 -10.67 14.73
CA HIS D 206 3.45 -10.78 13.35
C HIS D 206 3.65 -12.21 12.88
N GLN D 207 3.12 -12.49 11.69
CA GLN D 207 3.23 -13.83 11.13
C GLN D 207 4.65 -14.21 10.77
N ARG D 208 5.00 -15.45 11.06
CA ARG D 208 6.32 -15.98 10.77
C ARG D 208 6.63 -15.70 9.30
N ILE D 209 7.87 -15.37 8.99
CA ILE D 209 8.25 -15.12 7.61
C ILE D 209 8.66 -16.48 7.04
N PRO D 210 8.50 -16.68 5.72
CA PRO D 210 8.86 -17.95 5.07
C PRO D 210 10.28 -18.43 5.36
N SER D 211 10.40 -19.69 5.78
CA SER D 211 11.70 -20.28 6.07
C SER D 211 12.23 -21.10 4.89
N ALA D 212 13.36 -20.69 4.34
CA ALA D 212 13.97 -21.39 3.22
C ALA D 212 14.61 -22.70 3.67
N SER D 213 14.36 -23.76 2.91
CA SER D 213 14.90 -25.07 3.23
C SER D 213 15.74 -25.61 2.07
N THR D 214 16.55 -24.74 1.48
CA THR D 214 17.41 -25.14 0.37
C THR D 214 18.39 -24.03 0.08
N LEU D 215 19.65 -24.39 0.20
CA LEU D 215 20.74 -23.45 -0.02
C LEU D 215 20.70 -22.68 -1.34
N PRO D 216 21.10 -21.40 -1.30
CA PRO D 216 21.22 -20.34 -2.30
C PRO D 216 21.43 -20.65 -3.78
N VAL D 217 21.55 -19.55 -4.54
CA VAL D 217 21.74 -19.55 -5.98
C VAL D 217 22.75 -20.61 -6.43
#